data_9LKE
#
_entry.id   9LKE
#
_cell.length_a   37.927
_cell.length_b   50.615
_cell.length_c   218.614
_cell.angle_alpha   90.00
_cell.angle_beta   90.00
_cell.angle_gamma   90.00
#
_symmetry.space_group_name_H-M   'C 2 2 21'
#
loop_
_entity.id
_entity.type
_entity.pdbx_description
1 polymer 'PRTg (70-MER)'
2 non-polymer HYPOXANTHINE
3 non-polymer "GUANOSINE-5'-TRIPHOSPHATE"
4 non-polymer 'MAGNESIUM ION'
5 water water
#
_entity_poly.entity_id   1
_entity_poly.type   'polyribonucleotide'
_entity_poly.pdbx_seq_one_letter_code
;GGUUGUAUAAGCUCGUUAAUUUGGAAUGAGCGUAUCUACAGGCAACCGUAAAUUGCCCCAGGCUACAAUC
;
_entity_poly.pdbx_strand_id   A
#
loop_
_chem_comp.id
_chem_comp.type
_chem_comp.name
_chem_comp.formula
A RNA linking ADENOSINE-5'-MONOPHOSPHATE 'C10 H14 N5 O7 P'
C RNA linking CYTIDINE-5'-MONOPHOSPHATE 'C9 H14 N3 O8 P'
G RNA linking GUANOSINE-5'-MONOPHOSPHATE 'C10 H14 N5 O8 P'
GTP non-polymer GUANOSINE-5'-TRIPHOSPHATE 'C10 H16 N5 O14 P3'
HPA non-polymer HYPOXANTHINE 'C5 H4 N4 O'
MG non-polymer 'MAGNESIUM ION' 'Mg 2'
U RNA linking URIDINE-5'-MONOPHOSPHATE 'C9 H13 N2 O9 P'
#
# COMPACT_ATOMS: atom_id res chain seq x y z
N1 HPA B . 13.30 2.78 3.91
C2 HPA B . 12.76 2.90 5.13
N3 HPA B . 12.86 3.98 5.85
C4 HPA B . 13.53 5.01 5.31
C5 HPA B . 14.12 4.96 4.05
C6 HPA B . 14.02 3.77 3.27
O6 HPA B . 14.48 3.60 2.14
N7 HPA B . 14.70 6.18 3.86
C8 HPA B . 14.45 6.90 4.98
N9 HPA B . 13.75 6.24 5.88
PG GTP C . -3.10 -2.27 2.82
O1G GTP C . -4.14 -3.18 3.42
O2G GTP C . -2.34 -3.00 1.75
O3G GTP C . -2.13 -1.82 3.90
O3B GTP C . -3.85 -0.99 2.17
PB GTP C . -5.09 -0.24 2.89
O1B GTP C . -5.11 1.22 2.47
O2B GTP C . -5.00 -0.34 4.40
O3A GTP C . -6.42 -0.96 2.34
PA GTP C . -6.72 -1.02 0.76
O1A GTP C . -8.16 -0.60 0.50
O2A GTP C . -5.77 -0.11 0.03
O5' GTP C . -6.51 -2.57 0.34
C5' GTP C . -5.27 -3.24 0.46
C4' GTP C . -5.11 -4.31 -0.63
O4' GTP C . -6.21 -4.16 -1.51
C3' GTP C . -3.87 -4.14 -1.50
O3' GTP C . -2.74 -4.88 -1.09
C2' GTP C . -4.35 -4.62 -2.85
O2' GTP C . -4.30 -6.02 -2.93
C1' GTP C . -5.79 -4.13 -2.86
N9 GTP C . -5.68 -2.72 -3.26
C8 GTP C . -5.90 -1.61 -2.49
N7 GTP C . -5.68 -0.50 -3.23
C5 GTP C . -5.33 -0.89 -4.47
C6 GTP C . -5.02 -0.18 -5.61
O6 GTP C . -5.03 1.05 -5.58
N1 GTP C . -4.72 -0.86 -6.77
C2 GTP C . -4.69 -2.24 -6.78
N2 GTP C . -4.41 -2.89 -7.90
N3 GTP C . -5.02 -2.94 -5.65
C4 GTP C . -5.32 -2.28 -4.51
MG MG D . -4.48 2.85 -17.24
MG MG E . 14.47 5.79 12.72
MG MG F . 10.80 12.51 1.53
#